data_3ZIP
#
_entry.id   3ZIP
#
_cell.length_a   79.140
_cell.length_b   90.180
_cell.length_c   99.430
_cell.angle_alpha   90.00
_cell.angle_beta   90.00
_cell.angle_gamma   90.00
#
_symmetry.space_group_name_H-M   'P 21 21 21'
#
loop_
_entity.id
_entity.type
_entity.pdbx_description
1 polymer 'IMPORTIN SUBUNIT ALPHA-2'
2 polymer A58NLS
3 water water
#
loop_
_entity_poly.entity_id
_entity_poly.type
_entity_poly.pdbx_seq_one_letter_code
_entity_poly.pdbx_strand_id
1 'polypeptide(L)'
;SGMKETAAAKFERQHMDSPDLGTDDDDKAMADIGSGTVNWSVEDIVKGINSNNLESQLQATQAARKLLSREKQPPIDNII
RAGLIPKFVSFLGKTDCSPIQFESAWALTNIASGTSEQTKAVVDGGAIPAFISLLASPHAHISEQAVWALGNIAGDGSAF
RDLVIKHGAIDPLLALLAVPDLSTLACGYLRNLTWTLSNLCRNKNPAPPLDAVEQILPTLVRLLHHNDPEVLADSCWAIS
YLTDGPNERIEMVVKKGVVPQLVKLLGATELPIVTPALRAIGNIVTGTDEQTQKVIDAGALAVFPSLLTNPKTNIQKEAT
WTMSNITAGRQDQIQQVVNHGLVPFLVGVLSKADFKTQKEAAWAITNYTSGGTVEQIVYLVHCGIIEPLMNLLSAKDTKI
IQVILDAISNIFQAAEKLGETEKLSIMIEECGGLDKIEALQRHENESVYKASLNLIEKYFS
;
A
2 'polypeptide(L)' WAGRKRTWRDAF B,C
#
# COMPACT_ATOMS: atom_id res chain seq x y z
N GLY A 36 34.72 25.05 8.75
CA GLY A 36 35.76 24.07 8.48
C GLY A 36 35.45 23.23 7.26
N THR A 37 34.36 22.45 7.30
CA THR A 37 33.92 21.56 6.20
C THR A 37 32.57 22.02 5.58
N VAL A 38 32.14 23.25 5.87
CA VAL A 38 30.88 23.79 5.35
C VAL A 38 31.15 24.63 4.07
N ASN A 39 30.27 24.45 3.05
CA ASN A 39 30.22 25.12 1.76
C ASN A 39 31.53 24.99 0.93
N TRP A 40 32.08 23.77 0.85
CA TRP A 40 33.24 23.47 0.00
C TRP A 40 32.77 23.24 -1.41
N SER A 41 33.61 23.58 -2.40
CA SER A 41 33.30 23.27 -3.80
C SER A 41 33.60 21.77 -4.05
N VAL A 42 33.02 21.19 -5.12
CA VAL A 42 33.26 19.79 -5.52
C VAL A 42 34.76 19.64 -5.85
N GLU A 43 35.37 20.68 -6.45
CA GLU A 43 36.80 20.72 -6.81
C GLU A 43 37.68 20.54 -5.55
N ASP A 44 37.34 21.25 -4.46
CA ASP A 44 38.05 21.16 -3.19
C ASP A 44 37.96 19.74 -2.64
N ILE A 45 36.75 19.14 -2.67
CA ILE A 45 36.47 17.79 -2.16
C ILE A 45 37.34 16.76 -2.92
N VAL A 46 37.43 16.89 -4.25
CA VAL A 46 38.25 16.02 -5.10
C VAL A 46 39.73 16.19 -4.72
N LYS A 47 40.18 17.44 -4.49
CA LYS A 47 41.56 17.71 -4.12
C LYS A 47 41.92 17.01 -2.80
N GLY A 48 41.02 17.07 -1.82
CA GLY A 48 41.21 16.44 -0.51
C GLY A 48 41.16 14.93 -0.53
N ILE A 49 40.20 14.36 -1.27
CA ILE A 49 40.00 12.92 -1.40
C ILE A 49 41.16 12.28 -2.17
N ASN A 50 41.79 13.03 -3.13
CA ASN A 50 42.92 12.58 -3.93
C ASN A 50 44.27 12.80 -3.26
N SER A 51 44.29 13.38 -2.05
CA SER A 51 45.52 13.53 -1.28
C SER A 51 45.83 12.18 -0.67
N ASN A 52 47.08 11.83 -0.45
CA ASN A 52 47.26 10.50 0.17
C ASN A 52 47.31 10.67 1.70
N ASN A 53 46.42 11.51 2.24
CA ASN A 53 46.38 11.84 3.66
C ASN A 53 45.00 11.48 4.18
N LEU A 54 44.93 10.43 5.04
CA LEU A 54 43.68 9.91 5.60
C LEU A 54 42.86 11.01 6.28
N GLU A 55 43.52 11.91 7.01
CA GLU A 55 42.82 13.02 7.67
C GLU A 55 42.28 14.05 6.67
N SER A 56 43.02 14.33 5.58
CA SER A 56 42.55 15.28 4.58
C SER A 56 41.34 14.68 3.86
N GLN A 57 41.38 13.35 3.65
CA GLN A 57 40.31 12.59 3.00
C GLN A 57 39.07 12.56 3.88
N LEU A 58 39.26 12.44 5.20
CA LEU A 58 38.17 12.48 6.18
C LEU A 58 37.46 13.84 6.16
N GLN A 59 38.22 14.93 6.13
CA GLN A 59 37.67 16.29 6.11
C GLN A 59 36.92 16.57 4.80
N ALA A 60 37.48 16.10 3.68
CA ALA A 60 36.86 16.26 2.38
C ALA A 60 35.59 15.40 2.25
N THR A 61 35.55 14.20 2.90
CA THR A 61 34.36 13.32 2.86
C THR A 61 33.24 13.96 3.71
N GLN A 62 33.59 14.56 4.85
CA GLN A 62 32.62 15.26 5.69
C GLN A 62 32.02 16.44 4.93
N ALA A 63 32.88 17.20 4.19
CA ALA A 63 32.46 18.32 3.34
C ALA A 63 31.46 17.87 2.26
N ALA A 64 31.67 16.66 1.67
CA ALA A 64 30.79 16.02 0.65
C ALA A 64 29.45 15.68 1.28
N ARG A 65 29.51 15.06 2.46
CA ARG A 65 28.33 14.71 3.24
C ARG A 65 27.51 15.96 3.56
N LYS A 66 28.16 17.07 3.95
CA LYS A 66 27.44 18.30 4.31
C LYS A 66 26.78 18.93 3.08
N LEU A 67 27.41 18.80 1.90
CA LEU A 67 26.88 19.26 0.61
C LEU A 67 25.63 18.44 0.24
N LEU A 68 25.75 17.11 0.32
CA LEU A 68 24.69 16.17 -0.03
C LEU A 68 23.55 16.16 1.00
N SER A 69 23.72 16.84 2.16
CA SER A 69 22.73 16.95 3.23
C SER A 69 21.89 18.22 3.14
N ARG A 70 22.34 19.23 2.33
CA ARG A 70 21.64 20.51 2.17
C ARG A 70 20.25 20.30 1.53
N GLU A 71 19.27 21.08 1.99
CA GLU A 71 17.87 20.99 1.59
C GLU A 71 17.67 21.38 0.11
N LYS A 72 18.20 22.54 -0.30
CA LYS A 72 18.05 23.02 -1.68
C LYS A 72 19.18 22.53 -2.58
N GLN A 73 18.77 21.80 -3.65
CA GLN A 73 19.54 21.25 -4.78
C GLN A 73 20.93 20.69 -4.42
N PRO A 74 21.06 19.55 -3.68
CA PRO A 74 22.42 19.02 -3.41
C PRO A 74 23.13 18.62 -4.72
N PRO A 75 24.44 18.92 -4.90
CA PRO A 75 25.09 18.61 -6.18
C PRO A 75 25.44 17.13 -6.34
N ILE A 76 24.42 16.26 -6.37
CA ILE A 76 24.56 14.80 -6.48
C ILE A 76 25.27 14.43 -7.81
N ASP A 77 24.78 14.92 -8.96
CA ASP A 77 25.34 14.59 -10.26
C ASP A 77 26.79 15.09 -10.44
N ASN A 78 27.14 16.22 -9.79
CA ASN A 78 28.50 16.77 -9.82
C ASN A 78 29.47 15.86 -9.06
N ILE A 79 29.03 15.32 -7.91
CA ILE A 79 29.80 14.42 -7.07
C ILE A 79 30.00 13.09 -7.84
N ILE A 80 28.96 12.63 -8.55
CA ILE A 80 29.01 11.39 -9.35
C ILE A 80 30.01 11.56 -10.51
N ARG A 81 29.90 12.67 -11.30
CA ARG A 81 30.76 12.94 -12.46
C ARG A 81 32.25 13.11 -12.08
N ALA A 82 32.53 13.60 -10.85
CA ALA A 82 33.89 13.77 -10.34
C ALA A 82 34.56 12.41 -9.98
N GLY A 83 33.81 11.30 -10.10
CA GLY A 83 34.27 9.93 -9.85
C GLY A 83 34.49 9.63 -8.39
N LEU A 84 33.70 10.28 -7.50
CA LEU A 84 33.88 10.16 -6.06
C LEU A 84 33.27 8.89 -5.42
N ILE A 85 32.22 8.30 -6.02
CA ILE A 85 31.49 7.12 -5.50
C ILE A 85 32.45 5.93 -5.22
N PRO A 86 33.36 5.48 -6.13
CA PRO A 86 34.26 4.36 -5.78
C PRO A 86 35.20 4.69 -4.62
N LYS A 87 35.61 5.96 -4.50
CA LYS A 87 36.48 6.40 -3.40
C LYS A 87 35.73 6.29 -2.08
N PHE A 88 34.44 6.76 -2.03
CA PHE A 88 33.60 6.67 -0.83
C PHE A 88 33.34 5.20 -0.47
N VAL A 89 33.10 4.33 -1.49
CA VAL A 89 32.87 2.90 -1.28
C VAL A 89 34.13 2.27 -0.65
N SER A 90 35.35 2.66 -1.10
CA SER A 90 36.57 2.08 -0.54
C SER A 90 36.81 2.58 0.89
N PHE A 91 36.31 3.78 1.24
CA PHE A 91 36.40 4.34 2.61
C PHE A 91 35.49 3.55 3.58
N LEU A 92 34.43 2.91 3.07
CA LEU A 92 33.53 2.06 3.88
C LEU A 92 34.30 0.89 4.52
N GLY A 93 35.36 0.42 3.84
CA GLY A 93 36.21 -0.67 4.31
C GLY A 93 37.28 -0.27 5.30
N LYS A 94 37.45 1.02 5.53
CA LYS A 94 38.48 1.48 6.46
C LYS A 94 38.08 1.28 7.91
N THR A 95 38.13 0.03 8.36
CA THR A 95 37.75 -0.33 9.71
C THR A 95 38.50 0.44 10.78
N ASP A 96 39.71 0.88 10.43
CA ASP A 96 40.55 1.58 11.39
C ASP A 96 40.20 3.05 11.53
N CYS A 97 39.36 3.54 10.64
CA CYS A 97 38.91 4.93 10.71
C CYS A 97 37.39 5.02 10.70
N SER A 98 36.77 4.65 11.82
CA SER A 98 35.31 4.67 11.95
C SER A 98 34.69 6.05 11.50
N PRO A 99 35.30 7.25 11.76
CA PRO A 99 34.69 8.49 11.26
C PRO A 99 34.53 8.55 9.74
N ILE A 100 35.53 8.10 8.95
CA ILE A 100 35.47 8.14 7.49
C ILE A 100 34.45 7.11 6.97
N GLN A 101 34.22 6.02 7.73
CA GLN A 101 33.21 5.02 7.38
C GLN A 101 31.83 5.64 7.51
N PHE A 102 31.59 6.41 8.61
CA PHE A 102 30.31 7.06 8.85
C PHE A 102 29.99 8.11 7.78
N GLU A 103 30.98 9.00 7.52
CA GLU A 103 30.88 10.10 6.56
C GLU A 103 30.68 9.61 5.12
N SER A 104 31.44 8.57 4.69
CA SER A 104 31.26 8.06 3.33
C SER A 104 29.93 7.33 3.24
N ALA A 105 29.50 6.63 4.33
CA ALA A 105 28.22 5.93 4.41
C ALA A 105 27.05 6.92 4.29
N TRP A 106 27.13 8.07 4.99
CA TRP A 106 26.11 9.11 4.95
C TRP A 106 26.04 9.74 3.54
N ALA A 107 27.21 10.12 2.98
CA ALA A 107 27.34 10.68 1.63
C ALA A 107 26.68 9.78 0.59
N LEU A 108 27.02 8.47 0.61
CA LEU A 108 26.48 7.49 -0.33
C LEU A 108 24.99 7.23 -0.13
N THR A 109 24.48 7.31 1.13
CA THR A 109 23.06 7.13 1.43
C THR A 109 22.26 8.24 0.73
N ASN A 110 22.77 9.49 0.77
CA ASN A 110 22.13 10.66 0.19
C ASN A 110 22.15 10.60 -1.34
N ILE A 111 23.20 10.03 -1.93
CA ILE A 111 23.23 9.80 -3.38
C ILE A 111 22.21 8.68 -3.74
N ALA A 112 22.22 7.55 -2.98
CA ALA A 112 21.33 6.41 -3.21
C ALA A 112 19.84 6.77 -3.02
N SER A 113 19.54 7.83 -2.26
CA SER A 113 18.18 8.29 -2.02
C SER A 113 17.63 9.11 -3.21
N GLY A 114 18.48 9.37 -4.21
CA GLY A 114 18.14 10.17 -5.38
C GLY A 114 17.33 9.43 -6.41
N THR A 115 17.56 9.72 -7.69
CA THR A 115 16.87 9.07 -8.80
C THR A 115 17.39 7.61 -8.98
N SER A 116 16.75 6.83 -9.84
CA SER A 116 17.21 5.47 -10.14
C SER A 116 18.64 5.48 -10.67
N GLU A 117 18.97 6.42 -11.57
CA GLU A 117 20.31 6.62 -12.13
C GLU A 117 21.34 6.85 -11.02
N GLN A 118 20.99 7.70 -10.03
CA GLN A 118 21.86 8.03 -8.91
C GLN A 118 22.01 6.82 -7.96
N THR A 119 20.95 5.99 -7.79
CA THR A 119 21.03 4.74 -7.01
C THR A 119 21.89 3.71 -7.78
N LYS A 120 21.70 3.62 -9.11
CA LYS A 120 22.50 2.73 -9.96
C LYS A 120 24.00 3.05 -9.80
N ALA A 121 24.35 4.36 -9.76
CA ALA A 121 25.74 4.81 -9.64
C ALA A 121 26.40 4.28 -8.34
N VAL A 122 25.63 4.26 -7.23
CA VAL A 122 26.08 3.76 -5.95
C VAL A 122 26.28 2.22 -6.03
N VAL A 123 25.32 1.50 -6.65
CA VAL A 123 25.39 0.05 -6.86
C VAL A 123 26.58 -0.29 -7.78
N ASP A 124 26.75 0.46 -8.90
CA ASP A 124 27.85 0.27 -9.85
C ASP A 124 29.21 0.53 -9.21
N GLY A 125 29.26 1.37 -8.16
CA GLY A 125 30.47 1.66 -7.41
C GLY A 125 30.88 0.56 -6.45
N GLY A 126 30.07 -0.51 -6.39
CA GLY A 126 30.28 -1.68 -5.54
C GLY A 126 29.83 -1.55 -4.10
N ALA A 127 28.90 -0.63 -3.83
CA ALA A 127 28.45 -0.30 -2.48
C ALA A 127 27.73 -1.42 -1.73
N ILE A 128 26.96 -2.31 -2.43
CA ILE A 128 26.11 -3.32 -1.80
C ILE A 128 26.95 -4.25 -0.88
N PRO A 129 27.99 -5.00 -1.31
CA PRO A 129 28.73 -5.84 -0.35
C PRO A 129 29.40 -5.03 0.77
N ALA A 130 29.83 -3.79 0.46
CA ALA A 130 30.51 -2.90 1.42
C ALA A 130 29.53 -2.45 2.51
N PHE A 131 28.27 -2.17 2.16
CA PHE A 131 27.24 -1.81 3.13
C PHE A 131 26.80 -3.03 3.96
N ILE A 132 26.78 -4.23 3.35
CA ILE A 132 26.38 -5.46 4.05
C ILE A 132 27.45 -5.77 5.13
N SER A 133 28.75 -5.58 4.84
CA SER A 133 29.83 -5.74 5.85
C SER A 133 29.67 -4.75 7.01
N LEU A 134 29.26 -3.52 6.71
CA LEU A 134 29.08 -2.46 7.71
C LEU A 134 27.95 -2.75 8.70
N LEU A 135 27.04 -3.68 8.38
CA LEU A 135 25.98 -4.05 9.32
C LEU A 135 26.57 -4.73 10.57
N ALA A 136 27.81 -5.26 10.45
CA ALA A 136 28.54 -5.93 11.53
C ALA A 136 29.40 -4.96 12.36
N SER A 137 29.36 -3.65 12.03
CA SER A 137 30.15 -2.63 12.72
C SER A 137 29.77 -2.53 14.22
N PRO A 138 30.77 -2.38 15.12
CA PRO A 138 30.45 -2.20 16.55
C PRO A 138 29.81 -0.84 16.85
N HIS A 139 29.87 0.11 15.89
CA HIS A 139 29.32 1.45 16.01
C HIS A 139 27.92 1.47 15.47
N ALA A 140 26.94 1.70 16.35
CA ALA A 140 25.51 1.71 16.02
C ALA A 140 25.16 2.77 14.98
N HIS A 141 25.84 3.94 15.00
CA HIS A 141 25.56 5.00 14.04
C HIS A 141 26.08 4.64 12.63
N ILE A 142 27.13 3.80 12.52
CA ILE A 142 27.66 3.35 11.21
C ILE A 142 26.76 2.23 10.67
N SER A 143 26.44 1.25 11.53
CA SER A 143 25.54 0.12 11.30
C SER A 143 24.15 0.61 10.78
N GLU A 144 23.59 1.65 11.43
CA GLU A 144 22.31 2.29 11.08
C GLU A 144 22.38 2.94 9.69
N GLN A 145 23.54 3.53 9.38
CA GLN A 145 23.77 4.17 8.10
C GLN A 145 23.78 3.14 6.99
N ALA A 146 24.41 1.96 7.23
CA ALA A 146 24.43 0.84 6.30
C ALA A 146 23.00 0.32 6.09
N VAL A 147 22.16 0.25 7.17
CA VAL A 147 20.74 -0.18 7.09
C VAL A 147 19.98 0.78 6.17
N TRP A 148 20.11 2.10 6.42
CA TRP A 148 19.48 3.17 5.67
C TRP A 148 19.88 3.13 4.17
N ALA A 149 21.17 2.94 3.89
CA ALA A 149 21.69 2.87 2.52
C ALA A 149 21.08 1.68 1.76
N LEU A 150 21.07 0.49 2.39
CA LEU A 150 20.51 -0.72 1.82
C LEU A 150 19.00 -0.58 1.55
N GLY A 151 18.27 0.11 2.44
CA GLY A 151 16.85 0.43 2.26
C GLY A 151 16.59 1.29 1.02
N ASN A 152 17.47 2.28 0.76
CA ASN A 152 17.35 3.14 -0.45
C ASN A 152 17.67 2.39 -1.73
N ILE A 153 18.67 1.50 -1.67
CA ILE A 153 19.07 0.65 -2.80
C ILE A 153 17.93 -0.34 -3.08
N ALA A 154 17.49 -1.10 -2.06
CA ALA A 154 16.40 -2.08 -2.24
C ALA A 154 15.09 -1.43 -2.69
N GLY A 155 14.84 -0.20 -2.22
CA GLY A 155 13.65 0.58 -2.54
C GLY A 155 13.53 1.04 -3.97
N ASP A 156 14.63 0.99 -4.73
CA ASP A 156 14.64 1.42 -6.12
C ASP A 156 13.70 0.58 -7.03
N GLY A 157 13.65 -0.72 -6.81
CA GLY A 157 12.85 -1.63 -7.61
C GLY A 157 13.24 -3.08 -7.38
N SER A 158 12.55 -3.99 -8.08
CA SER A 158 12.69 -5.44 -8.01
C SER A 158 14.13 -5.93 -8.18
N ALA A 159 14.82 -5.48 -9.24
CA ALA A 159 16.19 -5.89 -9.57
C ALA A 159 17.16 -5.58 -8.44
N PHE A 160 17.16 -4.33 -7.91
CA PHE A 160 18.09 -3.96 -6.84
C PHE A 160 17.68 -4.60 -5.52
N ARG A 161 16.37 -4.78 -5.27
CA ARG A 161 15.87 -5.47 -4.10
C ARG A 161 16.46 -6.88 -4.10
N ASP A 162 16.28 -7.61 -5.22
CA ASP A 162 16.76 -8.98 -5.39
C ASP A 162 18.27 -9.04 -5.38
N LEU A 163 18.98 -7.96 -5.79
CA LEU A 163 20.44 -7.92 -5.76
C LEU A 163 20.94 -7.80 -4.32
N VAL A 164 20.24 -6.97 -3.50
CA VAL A 164 20.52 -6.77 -2.09
C VAL A 164 20.34 -8.14 -1.34
N ILE A 165 19.29 -8.91 -1.69
CA ILE A 165 19.00 -10.23 -1.14
C ILE A 165 20.12 -11.25 -1.58
N LYS A 166 20.53 -11.25 -2.85
CA LYS A 166 21.58 -12.17 -3.34
C LYS A 166 22.96 -11.90 -2.68
N HIS A 167 23.26 -10.64 -2.36
CA HIS A 167 24.50 -10.32 -1.66
C HIS A 167 24.41 -10.73 -0.14
N GLY A 168 23.26 -11.28 0.28
CA GLY A 168 23.02 -11.83 1.61
C GLY A 168 22.72 -10.83 2.72
N ALA A 169 21.93 -9.77 2.43
CA ALA A 169 21.61 -8.73 3.41
C ALA A 169 20.62 -9.16 4.51
N ILE A 170 19.66 -10.07 4.19
CA ILE A 170 18.59 -10.44 5.12
C ILE A 170 19.13 -10.99 6.47
N ASP A 171 20.05 -11.97 6.47
CA ASP A 171 20.57 -12.54 7.73
C ASP A 171 21.21 -11.45 8.62
N PRO A 172 22.22 -10.63 8.20
CA PRO A 172 22.76 -9.62 9.14
C PRO A 172 21.72 -8.57 9.57
N LEU A 173 20.75 -8.24 8.71
CA LEU A 173 19.67 -7.31 9.06
C LEU A 173 18.79 -7.89 10.16
N LEU A 174 18.37 -9.18 10.01
CA LEU A 174 17.50 -9.83 10.99
C LEU A 174 18.22 -10.06 12.33
N ALA A 175 19.55 -10.30 12.28
CA ALA A 175 20.40 -10.49 13.46
C ALA A 175 20.47 -9.21 14.29
N LEU A 176 20.23 -8.03 13.68
CA LEU A 176 20.23 -6.75 14.40
C LEU A 176 18.99 -6.60 15.30
N LEU A 177 17.93 -7.39 15.02
CA LEU A 177 16.67 -7.41 15.75
C LEU A 177 16.56 -8.66 16.66
N ALA A 178 17.64 -9.46 16.71
CA ALA A 178 17.69 -10.66 17.54
C ALA A 178 17.97 -10.26 19.00
N VAL A 179 16.94 -9.65 19.63
CA VAL A 179 16.97 -9.17 21.02
C VAL A 179 15.71 -9.68 21.76
N PRO A 180 15.74 -9.97 23.07
CA PRO A 180 14.50 -10.40 23.76
C PRO A 180 13.36 -9.38 23.72
N ASP A 181 13.68 -8.08 23.81
CA ASP A 181 12.72 -6.99 23.79
C ASP A 181 13.21 -5.84 22.89
N LEU A 182 12.39 -5.51 21.88
CA LEU A 182 12.66 -4.46 20.89
C LEU A 182 12.77 -3.07 21.52
N SER A 183 12.16 -2.85 22.70
CA SER A 183 12.16 -1.57 23.41
C SER A 183 13.56 -1.17 23.89
N THR A 184 14.52 -2.12 24.00
CA THR A 184 15.90 -1.83 24.41
C THR A 184 16.71 -1.17 23.27
N LEU A 185 16.25 -1.32 22.04
CA LEU A 185 16.91 -0.71 20.88
C LEU A 185 16.52 0.74 20.78
N ALA A 186 17.40 1.56 20.20
CA ALA A 186 17.12 2.97 19.98
C ALA A 186 15.98 3.13 18.97
N CYS A 187 15.03 4.01 19.28
CA CYS A 187 13.83 4.28 18.50
C CYS A 187 14.15 4.54 17.00
N GLY A 188 15.09 5.44 16.72
CA GLY A 188 15.47 5.79 15.35
C GLY A 188 16.09 4.62 14.61
N TYR A 189 16.89 3.82 15.33
CA TYR A 189 17.55 2.62 14.81
C TYR A 189 16.51 1.56 14.37
N LEU A 190 15.52 1.27 15.25
CA LEU A 190 14.43 0.32 15.01
C LEU A 190 13.55 0.77 13.84
N ARG A 191 13.25 2.08 13.76
CA ARG A 191 12.46 2.66 12.68
C ARG A 191 13.15 2.51 11.32
N ASN A 192 14.50 2.64 11.29
CA ASN A 192 15.26 2.49 10.04
C ASN A 192 15.26 1.05 9.59
N LEU A 193 15.48 0.09 10.52
CA LEU A 193 15.47 -1.34 10.26
C LEU A 193 14.12 -1.80 9.70
N THR A 194 13.01 -1.39 10.35
CA THR A 194 11.64 -1.72 9.90
C THR A 194 11.41 -1.19 8.49
N TRP A 195 11.79 0.07 8.23
CA TRP A 195 11.65 0.68 6.92
C TRP A 195 12.44 -0.10 5.85
N THR A 196 13.69 -0.51 6.15
CA THR A 196 14.53 -1.26 5.19
C THR A 196 13.91 -2.63 4.91
N LEU A 197 13.40 -3.31 5.97
CA LEU A 197 12.75 -4.62 5.79
C LEU A 197 11.49 -4.49 4.94
N SER A 198 10.72 -3.40 5.11
CA SER A 198 9.53 -3.17 4.31
C SER A 198 9.91 -2.96 2.84
N ASN A 199 11.11 -2.40 2.55
CA ASN A 199 11.56 -2.19 1.17
C ASN A 199 11.99 -3.49 0.50
N LEU A 200 12.35 -4.51 1.30
CA LEU A 200 12.71 -5.84 0.82
C LEU A 200 11.44 -6.68 0.52
N CYS A 201 10.27 -6.20 0.99
CA CYS A 201 8.95 -6.79 0.77
C CYS A 201 8.23 -6.10 -0.40
N ARG A 202 8.72 -4.93 -0.79
CA ARG A 202 8.12 -4.05 -1.79
C ARG A 202 8.46 -4.46 -3.23
N ASN A 203 7.61 -3.98 -4.16
CA ASN A 203 7.69 -4.08 -5.62
C ASN A 203 7.23 -5.44 -6.13
N LYS A 204 6.83 -5.45 -7.41
CA LYS A 204 6.29 -6.61 -8.10
C LYS A 204 6.94 -6.75 -9.48
N ASN A 205 6.55 -7.80 -10.22
CA ASN A 205 7.08 -8.15 -11.55
C ASN A 205 8.64 -8.18 -11.53
N PRO A 206 9.24 -9.09 -10.72
CA PRO A 206 8.60 -10.08 -9.83
C PRO A 206 8.39 -9.57 -8.41
N ALA A 207 7.51 -10.25 -7.66
CA ALA A 207 7.31 -10.04 -6.22
C ALA A 207 8.59 -10.55 -5.49
N PRO A 208 8.86 -10.25 -4.19
CA PRO A 208 10.12 -10.75 -3.58
C PRO A 208 10.21 -12.28 -3.56
N PRO A 209 11.44 -12.88 -3.53
CA PRO A 209 11.54 -14.36 -3.51
C PRO A 209 10.81 -14.95 -2.32
N LEU A 210 10.06 -16.06 -2.52
CA LEU A 210 9.28 -16.75 -1.48
C LEU A 210 10.09 -17.06 -0.23
N ASP A 211 11.30 -17.57 -0.44
CA ASP A 211 12.28 -17.92 0.58
C ASP A 211 12.67 -16.70 1.40
N ALA A 212 12.85 -15.53 0.74
CA ALA A 212 13.16 -14.26 1.41
C ALA A 212 11.98 -13.78 2.27
N VAL A 213 10.74 -13.90 1.74
CA VAL A 213 9.49 -13.52 2.40
C VAL A 213 9.32 -14.41 3.66
N GLU A 214 9.59 -15.72 3.55
CA GLU A 214 9.45 -16.65 4.66
C GLU A 214 10.45 -16.33 5.78
N GLN A 215 11.65 -15.89 5.43
CA GLN A 215 12.69 -15.53 6.40
C GLN A 215 12.35 -14.24 7.19
N ILE A 216 11.82 -13.22 6.50
CA ILE A 216 11.49 -11.91 7.05
C ILE A 216 10.18 -11.94 7.86
N LEU A 217 9.13 -12.66 7.40
CA LEU A 217 7.79 -12.68 8.02
C LEU A 217 7.78 -12.83 9.56
N PRO A 218 8.48 -13.79 10.23
CA PRO A 218 8.42 -13.84 11.70
C PRO A 218 8.91 -12.54 12.38
N THR A 219 9.89 -11.83 11.79
CA THR A 219 10.38 -10.57 12.36
C THR A 219 9.32 -9.48 12.10
N LEU A 220 8.67 -9.49 10.91
CA LEU A 220 7.60 -8.53 10.59
C LEU A 220 6.46 -8.64 11.57
N VAL A 221 6.04 -9.88 11.89
CA VAL A 221 4.95 -10.15 12.83
C VAL A 221 5.31 -9.56 14.22
N ARG A 222 6.57 -9.67 14.62
CA ARG A 222 7.05 -9.15 15.89
C ARG A 222 7.02 -7.62 15.89
N LEU A 223 7.42 -6.98 14.79
CA LEU A 223 7.41 -5.50 14.67
C LEU A 223 5.96 -4.97 14.64
N LEU A 224 5.02 -5.79 14.15
CA LEU A 224 3.60 -5.50 14.07
C LEU A 224 2.95 -5.44 15.45
N HIS A 225 3.67 -5.89 16.51
CA HIS A 225 3.22 -5.87 17.90
C HIS A 225 4.02 -4.84 18.76
N HIS A 226 4.94 -4.07 18.14
CA HIS A 226 5.75 -3.05 18.83
C HIS A 226 4.90 -1.78 19.09
N ASN A 227 5.18 -1.05 20.18
CA ASN A 227 4.40 0.12 20.58
C ASN A 227 4.68 1.42 19.78
N ASP A 228 5.73 1.48 18.94
CA ASP A 228 6.07 2.70 18.18
C ASP A 228 5.15 2.90 16.96
N PRO A 229 4.52 4.07 16.80
CA PRO A 229 3.62 4.29 15.64
C PRO A 229 4.30 4.24 14.27
N GLU A 230 5.58 4.68 14.18
CA GLU A 230 6.31 4.65 12.91
C GLU A 230 6.69 3.22 12.52
N VAL A 231 7.16 2.42 13.49
CA VAL A 231 7.47 1.00 13.30
C VAL A 231 6.19 0.26 12.85
N LEU A 232 5.04 0.56 13.49
CA LEU A 232 3.74 -0.06 13.14
C LEU A 232 3.28 0.34 11.75
N ALA A 233 3.42 1.62 11.37
CA ALA A 233 3.05 2.09 10.03
C ALA A 233 3.86 1.32 8.96
N ASP A 234 5.22 1.23 9.13
CA ASP A 234 6.10 0.59 8.15
C ASP A 234 5.91 -0.93 8.09
N SER A 235 5.60 -1.57 9.23
CA SER A 235 5.30 -3.00 9.35
C SER A 235 4.02 -3.32 8.60
N CYS A 236 3.00 -2.44 8.72
CA CYS A 236 1.74 -2.56 7.99
C CYS A 236 1.99 -2.43 6.50
N TRP A 237 2.80 -1.44 6.08
CA TRP A 237 3.14 -1.25 4.66
C TRP A 237 3.81 -2.52 4.12
N ALA A 238 4.76 -3.12 4.89
CA ALA A 238 5.42 -4.36 4.49
C ALA A 238 4.37 -5.46 4.24
N ILE A 239 3.37 -5.61 5.16
CA ILE A 239 2.29 -6.58 5.07
C ILE A 239 1.41 -6.27 3.85
N SER A 240 1.11 -4.98 3.62
CA SER A 240 0.30 -4.58 2.47
C SER A 240 1.00 -4.97 1.13
N TYR A 241 2.35 -4.93 1.10
CA TYR A 241 3.07 -5.30 -0.11
C TYR A 241 3.01 -6.81 -0.33
N LEU A 242 3.20 -7.60 0.74
CA LEU A 242 3.21 -9.05 0.67
C LEU A 242 1.84 -9.62 0.34
N THR A 243 0.76 -8.91 0.71
CA THR A 243 -0.62 -9.35 0.45
C THR A 243 -1.11 -8.88 -0.94
N ASP A 244 -0.30 -8.08 -1.62
CA ASP A 244 -0.60 -7.58 -2.97
C ASP A 244 -0.07 -8.57 -4.03
N GLY A 245 -0.72 -9.71 -4.14
CA GLY A 245 -0.31 -10.75 -5.09
C GLY A 245 -1.25 -11.92 -5.17
N PRO A 246 -0.78 -13.08 -5.69
CA PRO A 246 -1.65 -14.27 -5.78
C PRO A 246 -2.01 -14.83 -4.41
N ASN A 247 -3.12 -15.59 -4.31
CA ASN A 247 -3.64 -16.16 -3.05
C ASN A 247 -2.58 -16.90 -2.22
N GLU A 248 -1.57 -17.48 -2.89
CA GLU A 248 -0.45 -18.20 -2.28
C GLU A 248 0.33 -17.27 -1.35
N ARG A 249 0.51 -16.01 -1.80
CA ARG A 249 1.21 -14.95 -1.09
C ARG A 249 0.38 -14.43 0.10
N ILE A 250 -0.95 -14.27 -0.10
CA ILE A 250 -1.87 -13.86 0.95
C ILE A 250 -1.88 -14.97 2.06
N GLU A 251 -1.88 -16.26 1.64
CA GLU A 251 -1.90 -17.42 2.52
C GLU A 251 -0.69 -17.42 3.44
N MET A 252 0.52 -17.17 2.92
CA MET A 252 1.75 -17.08 3.70
C MET A 252 1.62 -16.13 4.89
N VAL A 253 0.95 -14.99 4.67
CA VAL A 253 0.74 -13.93 5.64
C VAL A 253 -0.37 -14.35 6.63
N VAL A 254 -1.58 -14.72 6.12
CA VAL A 254 -2.76 -15.12 6.92
C VAL A 254 -2.43 -16.30 7.86
N LYS A 255 -1.67 -17.30 7.37
CA LYS A 255 -1.26 -18.48 8.14
C LYS A 255 -0.39 -18.07 9.36
N LYS A 256 0.26 -16.90 9.30
CA LYS A 256 1.10 -16.40 10.41
C LYS A 256 0.24 -15.78 11.56
N GLY A 257 -1.10 -15.78 11.39
CA GLY A 257 -2.09 -15.26 12.33
C GLY A 257 -2.04 -13.76 12.59
N VAL A 258 -1.70 -12.94 11.57
CA VAL A 258 -1.57 -11.48 11.75
C VAL A 258 -2.87 -10.70 11.56
N VAL A 259 -3.89 -11.30 10.93
CA VAL A 259 -5.17 -10.65 10.64
C VAL A 259 -5.77 -10.01 11.92
N PRO A 260 -5.85 -10.67 13.12
CA PRO A 260 -6.40 -9.99 14.31
C PRO A 260 -5.60 -8.72 14.70
N GLN A 261 -4.27 -8.75 14.54
CA GLN A 261 -3.41 -7.60 14.83
C GLN A 261 -3.63 -6.50 13.78
N LEU A 262 -3.84 -6.87 12.49
CA LEU A 262 -4.15 -5.87 11.45
C LEU A 262 -5.47 -5.16 11.73
N VAL A 263 -6.49 -5.90 12.21
CA VAL A 263 -7.83 -5.41 12.54
C VAL A 263 -7.73 -4.47 13.74
N LYS A 264 -6.88 -4.78 14.72
CA LYS A 264 -6.64 -3.92 15.87
C LYS A 264 -6.01 -2.61 15.39
N LEU A 265 -5.03 -2.69 14.45
CA LEU A 265 -4.35 -1.51 13.91
C LEU A 265 -5.29 -0.70 13.00
N LEU A 266 -6.32 -1.36 12.44
CA LEU A 266 -7.36 -0.74 11.63
C LEU A 266 -8.15 0.27 12.45
N GLY A 267 -8.20 0.08 13.77
CA GLY A 267 -8.88 0.99 14.67
C GLY A 267 -8.01 2.05 15.34
N ALA A 268 -6.75 2.20 14.93
CA ALA A 268 -5.79 3.17 15.49
C ALA A 268 -6.22 4.62 15.24
N THR A 269 -5.73 5.56 16.06
CA THR A 269 -6.08 6.98 15.89
C THR A 269 -5.21 7.58 14.78
N GLU A 270 -3.93 7.15 14.71
CA GLU A 270 -2.95 7.62 13.73
C GLU A 270 -3.28 7.13 12.30
N LEU A 271 -3.59 8.10 11.42
CA LEU A 271 -3.88 7.91 9.99
C LEU A 271 -2.70 7.20 9.29
N PRO A 272 -1.40 7.48 9.63
CA PRO A 272 -0.31 6.71 8.98
C PRO A 272 -0.31 5.21 9.34
N ILE A 273 -1.09 4.77 10.36
CA ILE A 273 -1.19 3.34 10.70
C ILE A 273 -2.41 2.75 10.02
N VAL A 274 -3.54 3.46 10.08
CA VAL A 274 -4.81 3.01 9.48
C VAL A 274 -4.64 2.79 7.95
N THR A 275 -4.03 3.74 7.22
CA THR A 275 -3.89 3.64 5.75
C THR A 275 -3.24 2.29 5.32
N PRO A 276 -2.02 1.89 5.78
CA PRO A 276 -1.48 0.58 5.36
C PRO A 276 -2.25 -0.60 5.93
N ALA A 277 -2.82 -0.49 7.17
CA ALA A 277 -3.64 -1.55 7.80
C ALA A 277 -4.87 -1.85 6.93
N LEU A 278 -5.58 -0.81 6.46
CA LEU A 278 -6.74 -0.94 5.58
C LEU A 278 -6.32 -1.54 4.21
N ARG A 279 -5.17 -1.10 3.66
CA ARG A 279 -4.64 -1.65 2.41
C ARG A 279 -4.35 -3.18 2.54
N ALA A 280 -3.71 -3.60 3.65
CA ALA A 280 -3.39 -5.01 3.92
C ALA A 280 -4.69 -5.80 4.00
N ILE A 281 -5.69 -5.32 4.75
CA ILE A 281 -7.01 -5.97 4.93
C ILE A 281 -7.75 -6.05 3.56
N GLY A 282 -7.74 -4.95 2.81
CA GLY A 282 -8.35 -4.87 1.49
C GLY A 282 -7.76 -5.87 0.51
N ASN A 283 -6.42 -6.07 0.59
CA ASN A 283 -5.68 -7.01 -0.24
C ASN A 283 -6.06 -8.45 0.11
N ILE A 284 -6.10 -8.76 1.39
CA ILE A 284 -6.47 -10.09 1.85
C ILE A 284 -7.85 -10.53 1.36
N VAL A 285 -8.80 -9.61 1.29
CA VAL A 285 -10.14 -9.97 0.87
C VAL A 285 -10.31 -10.06 -0.64
N THR A 286 -9.23 -9.86 -1.39
CA THR A 286 -9.24 -10.09 -2.82
C THR A 286 -8.93 -11.56 -3.07
N GLY A 287 -8.47 -12.23 -2.02
CA GLY A 287 -8.17 -13.65 -2.04
C GLY A 287 -9.37 -14.56 -2.06
N THR A 288 -9.22 -15.77 -1.46
CA THR A 288 -10.28 -16.79 -1.40
C THR A 288 -11.37 -16.36 -0.40
N ASP A 289 -12.52 -17.06 -0.44
CA ASP A 289 -13.64 -16.85 0.47
C ASP A 289 -13.22 -17.20 1.91
N GLU A 290 -12.34 -18.19 2.04
CA GLU A 290 -11.76 -18.67 3.29
C GLU A 290 -10.82 -17.62 3.88
N GLN A 291 -10.08 -16.94 3.04
CA GLN A 291 -9.18 -15.89 3.49
C GLN A 291 -10.00 -14.69 3.92
N THR A 292 -11.05 -14.40 3.17
CA THR A 292 -11.94 -13.30 3.48
C THR A 292 -12.62 -13.51 4.82
N GLN A 293 -12.88 -14.77 5.14
CA GLN A 293 -13.55 -15.14 6.37
C GLN A 293 -12.71 -14.87 7.61
N LYS A 294 -11.40 -15.02 7.46
CA LYS A 294 -10.46 -14.76 8.55
C LYS A 294 -10.52 -13.30 8.96
N VAL A 295 -10.75 -12.40 7.98
CA VAL A 295 -10.88 -10.96 8.18
C VAL A 295 -12.17 -10.66 8.95
N ILE A 296 -13.31 -11.28 8.55
CA ILE A 296 -14.61 -11.15 9.21
C ILE A 296 -14.53 -11.72 10.65
N ASP A 297 -13.99 -12.96 10.81
CA ASP A 297 -13.83 -13.63 12.11
C ASP A 297 -12.99 -12.81 13.09
N ALA A 298 -12.04 -12.01 12.57
CA ALA A 298 -11.16 -11.13 13.36
C ALA A 298 -11.89 -9.82 13.82
N GLY A 299 -13.13 -9.62 13.36
CA GLY A 299 -13.97 -8.48 13.75
C GLY A 299 -13.79 -7.20 12.95
N ALA A 300 -13.25 -7.29 11.72
CA ALA A 300 -12.99 -6.14 10.87
C ALA A 300 -14.24 -5.30 10.56
N LEU A 301 -15.40 -5.95 10.38
CA LEU A 301 -16.64 -5.29 10.01
C LEU A 301 -17.15 -4.30 11.06
N ALA A 302 -16.77 -4.48 12.35
CA ALA A 302 -17.15 -3.59 13.44
C ALA A 302 -16.46 -2.20 13.33
N VAL A 303 -15.35 -2.11 12.58
CA VAL A 303 -14.58 -0.87 12.39
C VAL A 303 -15.12 -0.05 11.20
N PHE A 304 -15.86 -0.70 10.30
CA PHE A 304 -16.34 -0.13 9.05
C PHE A 304 -17.31 1.04 9.20
N PRO A 305 -18.20 1.15 10.24
CA PRO A 305 -19.00 2.39 10.35
C PRO A 305 -18.12 3.64 10.40
N SER A 306 -16.99 3.59 11.14
CA SER A 306 -16.09 4.75 11.20
C SER A 306 -15.26 4.90 9.93
N LEU A 307 -14.82 3.80 9.29
CA LEU A 307 -14.01 3.86 8.08
C LEU A 307 -14.82 4.37 6.89
N LEU A 308 -16.10 3.99 6.80
CA LEU A 308 -16.98 4.40 5.71
C LEU A 308 -17.49 5.85 5.89
N THR A 309 -17.18 6.49 7.04
CA THR A 309 -17.55 7.90 7.31
C THR A 309 -16.29 8.72 7.67
N ASN A 310 -15.10 8.16 7.42
CA ASN A 310 -13.81 8.75 7.77
C ASN A 310 -13.60 10.10 7.05
N PRO A 311 -13.08 11.14 7.75
CA PRO A 311 -12.89 12.44 7.07
C PRO A 311 -11.87 12.40 5.91
N LYS A 312 -10.95 11.41 5.88
CA LYS A 312 -9.98 11.25 4.80
C LYS A 312 -10.63 10.46 3.67
N THR A 313 -10.76 11.05 2.46
CA THR A 313 -11.47 10.39 1.36
C THR A 313 -10.81 9.09 0.89
N ASN A 314 -9.47 8.99 0.93
CA ASN A 314 -8.74 7.78 0.54
C ASN A 314 -9.05 6.62 1.49
N ILE A 315 -9.41 6.92 2.76
CA ILE A 315 -9.81 5.87 3.70
C ILE A 315 -11.22 5.39 3.32
N GLN A 316 -12.16 6.32 3.06
CA GLN A 316 -13.52 5.97 2.65
C GLN A 316 -13.52 5.17 1.39
N LYS A 317 -12.70 5.57 0.41
CA LYS A 317 -12.56 4.91 -0.90
C LYS A 317 -12.07 3.45 -0.76
N GLU A 318 -10.95 3.25 -0.01
CA GLU A 318 -10.36 1.92 0.19
C GLU A 318 -11.21 1.06 1.08
N ALA A 319 -11.90 1.66 2.07
CA ALA A 319 -12.83 0.92 2.92
C ALA A 319 -14.03 0.44 2.08
N THR A 320 -14.52 1.29 1.15
CA THR A 320 -15.68 0.93 0.31
C THR A 320 -15.23 -0.16 -0.70
N TRP A 321 -13.98 -0.09 -1.19
CA TRP A 321 -13.36 -1.07 -2.07
C TRP A 321 -13.31 -2.42 -1.32
N THR A 322 -12.85 -2.41 -0.04
CA THR A 322 -12.79 -3.60 0.83
C THR A 322 -14.21 -4.19 0.96
N MET A 323 -15.23 -3.34 1.17
CA MET A 323 -16.63 -3.76 1.27
C MET A 323 -17.09 -4.47 0.02
N SER A 324 -16.77 -3.90 -1.18
CA SER A 324 -17.14 -4.48 -2.47
C SER A 324 -16.58 -5.90 -2.65
N ASN A 325 -15.38 -6.16 -2.11
CA ASN A 325 -14.77 -7.49 -2.18
C ASN A 325 -15.37 -8.44 -1.15
N ILE A 326 -15.94 -7.92 -0.06
CA ILE A 326 -16.62 -8.77 0.90
C ILE A 326 -18.04 -9.09 0.34
N THR A 327 -18.70 -8.10 -0.32
CA THR A 327 -20.03 -8.34 -0.91
C THR A 327 -19.91 -9.19 -2.18
N ALA A 328 -18.67 -9.42 -2.68
CA ALA A 328 -18.42 -10.32 -3.82
C ALA A 328 -18.24 -11.77 -3.33
N GLY A 329 -18.35 -11.97 -2.01
CA GLY A 329 -18.20 -13.27 -1.38
C GLY A 329 -19.46 -14.11 -1.26
N ARG A 330 -19.45 -15.03 -0.27
CA ARG A 330 -20.54 -15.95 0.01
C ARG A 330 -21.77 -15.22 0.58
N GLN A 331 -22.94 -15.88 0.50
CA GLN A 331 -24.19 -15.34 1.05
C GLN A 331 -24.11 -15.18 2.55
N ASP A 332 -23.39 -16.09 3.24
CA ASP A 332 -23.16 -15.99 4.69
C ASP A 332 -22.27 -14.79 5.00
N GLN A 333 -21.37 -14.39 4.06
CA GLN A 333 -20.48 -13.22 4.24
C GLN A 333 -21.25 -11.94 4.02
N ILE A 334 -22.15 -11.91 2.99
CA ILE A 334 -23.08 -10.79 2.73
C ILE A 334 -23.98 -10.63 3.97
N GLN A 335 -24.39 -11.77 4.58
CA GLN A 335 -25.22 -11.76 5.79
C GLN A 335 -24.49 -11.10 6.96
N GLN A 336 -23.15 -11.30 7.08
CA GLN A 336 -22.35 -10.67 8.14
C GLN A 336 -22.31 -9.14 7.93
N VAL A 337 -22.27 -8.69 6.66
CA VAL A 337 -22.31 -7.27 6.28
C VAL A 337 -23.66 -6.68 6.76
N VAL A 338 -24.78 -7.37 6.48
CA VAL A 338 -26.14 -7.01 6.90
C VAL A 338 -26.21 -6.93 8.44
N ASN A 339 -25.80 -8.01 9.15
CA ASN A 339 -25.83 -8.15 10.62
C ASN A 339 -25.02 -7.08 11.37
N HIS A 340 -23.97 -6.54 10.73
CA HIS A 340 -23.12 -5.50 11.32
C HIS A 340 -23.69 -4.09 11.07
N GLY A 341 -24.87 -4.00 10.45
CA GLY A 341 -25.55 -2.75 10.14
C GLY A 341 -24.82 -1.91 9.11
N LEU A 342 -24.06 -2.56 8.19
CA LEU A 342 -23.26 -1.86 7.20
C LEU A 342 -24.00 -1.50 5.91
N VAL A 343 -25.22 -2.03 5.68
CA VAL A 343 -25.97 -1.70 4.46
C VAL A 343 -26.39 -0.19 4.52
N PRO A 344 -26.92 0.37 5.65
CA PRO A 344 -27.20 1.82 5.68
C PRO A 344 -25.93 2.65 5.42
N PHE A 345 -24.76 2.14 5.84
CA PHE A 345 -23.49 2.82 5.59
C PHE A 345 -23.13 2.81 4.10
N LEU A 346 -23.47 1.72 3.36
CA LEU A 346 -23.23 1.65 1.92
C LEU A 346 -24.19 2.60 1.17
N VAL A 347 -25.44 2.74 1.68
CA VAL A 347 -26.44 3.67 1.16
C VAL A 347 -25.88 5.11 1.33
N GLY A 348 -25.27 5.36 2.49
CA GLY A 348 -24.64 6.62 2.83
C GLY A 348 -23.56 7.03 1.85
N VAL A 349 -22.55 6.15 1.61
CA VAL A 349 -21.43 6.43 0.67
C VAL A 349 -21.92 6.56 -0.78
N LEU A 350 -22.99 5.85 -1.14
CA LEU A 350 -23.54 5.96 -2.49
C LEU A 350 -24.24 7.33 -2.66
N SER A 351 -24.94 7.79 -1.60
CA SER A 351 -25.67 9.05 -1.58
C SER A 351 -24.76 10.29 -1.64
N LYS A 352 -23.72 10.32 -0.79
CA LYS A 352 -22.81 11.46 -0.69
C LYS A 352 -21.44 10.99 -0.24
N ALA A 353 -20.46 11.21 -1.13
CA ALA A 353 -19.04 10.90 -0.99
C ALA A 353 -18.32 11.45 -2.22
N ASP A 354 -16.98 11.42 -2.25
CA ASP A 354 -16.26 11.86 -3.44
C ASP A 354 -16.54 10.81 -4.53
N PHE A 355 -16.61 11.22 -5.81
CA PHE A 355 -16.98 10.33 -6.93
C PHE A 355 -16.28 8.94 -6.93
N LYS A 356 -14.98 8.89 -6.62
CA LYS A 356 -14.22 7.64 -6.59
C LYS A 356 -14.78 6.65 -5.56
N THR A 357 -15.23 7.14 -4.39
CA THR A 357 -15.82 6.32 -3.32
C THR A 357 -17.20 5.82 -3.77
N GLN A 358 -17.99 6.70 -4.42
CA GLN A 358 -19.31 6.38 -4.97
C GLN A 358 -19.20 5.29 -6.02
N LYS A 359 -18.14 5.34 -6.87
CA LYS A 359 -17.85 4.32 -7.88
C LYS A 359 -17.60 2.97 -7.20
N GLU A 360 -16.81 2.96 -6.11
CA GLU A 360 -16.54 1.75 -5.31
C GLU A 360 -17.82 1.27 -4.60
N ALA A 361 -18.72 2.21 -4.21
CA ALA A 361 -19.98 1.84 -3.57
C ALA A 361 -20.90 1.17 -4.59
N ALA A 362 -20.92 1.67 -5.85
CA ALA A 362 -21.71 1.08 -6.94
C ALA A 362 -21.29 -0.40 -7.16
N TRP A 363 -19.97 -0.68 -7.14
CA TRP A 363 -19.38 -2.02 -7.25
C TRP A 363 -19.84 -2.91 -6.09
N ALA A 364 -19.86 -2.37 -4.86
CA ALA A 364 -20.30 -3.09 -3.66
C ALA A 364 -21.76 -3.54 -3.79
N ILE A 365 -22.61 -2.67 -4.37
CA ILE A 365 -24.04 -2.88 -4.57
C ILE A 365 -24.26 -3.94 -5.65
N THR A 366 -23.56 -3.85 -6.79
CA THR A 366 -23.66 -4.84 -7.89
C THR A 366 -23.19 -6.22 -7.41
N ASN A 367 -22.11 -6.28 -6.62
CA ASN A 367 -21.56 -7.53 -6.10
C ASN A 367 -22.56 -8.22 -5.17
N TYR A 368 -23.16 -7.42 -4.26
CA TYR A 368 -24.17 -7.82 -3.29
C TYR A 368 -25.41 -8.40 -4.01
N THR A 369 -25.93 -7.69 -5.03
CA THR A 369 -27.13 -8.08 -5.79
C THR A 369 -26.85 -9.29 -6.69
N SER A 370 -25.58 -9.54 -7.03
CA SER A 370 -25.16 -10.66 -7.87
C SER A 370 -25.14 -11.97 -7.08
N GLY A 371 -24.57 -11.93 -5.86
CA GLY A 371 -24.43 -13.11 -5.02
C GLY A 371 -25.44 -13.25 -3.89
N GLY A 372 -26.16 -12.19 -3.57
CA GLY A 372 -27.15 -12.19 -2.49
C GLY A 372 -28.45 -12.95 -2.73
N THR A 373 -29.10 -13.36 -1.63
CA THR A 373 -30.42 -14.00 -1.61
C THR A 373 -31.48 -12.94 -1.87
N VAL A 374 -32.69 -13.36 -2.27
CA VAL A 374 -33.84 -12.48 -2.52
C VAL A 374 -34.08 -11.58 -1.27
N GLU A 375 -34.11 -12.19 -0.07
CA GLU A 375 -34.30 -11.51 1.22
C GLU A 375 -33.27 -10.39 1.44
N GLN A 376 -31.99 -10.65 1.09
CA GLN A 376 -30.88 -9.70 1.23
C GLN A 376 -31.06 -8.52 0.26
N ILE A 377 -31.55 -8.81 -0.98
CA ILE A 377 -31.79 -7.76 -1.98
C ILE A 377 -33.03 -6.93 -1.55
N VAL A 378 -34.07 -7.59 -1.00
CA VAL A 378 -35.29 -6.94 -0.49
C VAL A 378 -34.87 -5.92 0.59
N TYR A 379 -34.03 -6.37 1.55
CA TYR A 379 -33.48 -5.59 2.66
C TYR A 379 -32.72 -4.38 2.15
N LEU A 380 -31.90 -4.56 1.09
CA LEU A 380 -31.11 -3.50 0.48
C LEU A 380 -32.02 -2.41 -0.12
N VAL A 381 -33.08 -2.79 -0.80
CA VAL A 381 -34.01 -1.82 -1.35
C VAL A 381 -34.78 -1.11 -0.24
N HIS A 382 -35.07 -1.84 0.83
CA HIS A 382 -35.77 -1.28 1.96
C HIS A 382 -34.95 -0.20 2.67
N CYS A 383 -33.64 -0.34 2.64
CA CYS A 383 -32.69 0.60 3.25
C CYS A 383 -32.49 1.88 2.37
N GLY A 384 -33.18 1.94 1.23
CA GLY A 384 -33.17 3.10 0.34
C GLY A 384 -32.03 3.16 -0.66
N ILE A 385 -31.68 2.03 -1.31
CA ILE A 385 -30.61 2.03 -2.29
C ILE A 385 -31.03 2.61 -3.66
N ILE A 386 -32.33 2.53 -4.04
CA ILE A 386 -32.81 2.93 -5.37
C ILE A 386 -32.52 4.42 -5.70
N GLU A 387 -32.97 5.38 -4.88
CA GLU A 387 -32.76 6.81 -5.16
C GLU A 387 -31.24 7.15 -5.33
N PRO A 388 -30.28 6.82 -4.40
CA PRO A 388 -28.88 7.17 -4.66
C PRO A 388 -28.27 6.44 -5.86
N LEU A 389 -28.78 5.23 -6.19
CA LEU A 389 -28.34 4.43 -7.33
C LEU A 389 -28.80 5.10 -8.66
N MET A 390 -30.05 5.63 -8.71
CA MET A 390 -30.57 6.34 -9.89
C MET A 390 -29.87 7.68 -10.09
N ASN A 391 -29.52 8.38 -9.00
CA ASN A 391 -28.86 9.68 -9.08
C ASN A 391 -27.49 9.58 -9.74
N LEU A 392 -26.79 8.46 -9.51
CA LEU A 392 -25.47 8.23 -10.09
C LEU A 392 -25.52 7.88 -11.60
N LEU A 393 -26.72 7.62 -12.16
CA LEU A 393 -26.87 7.36 -13.59
C LEU A 393 -26.70 8.67 -14.42
N SER A 394 -26.41 9.79 -13.74
CA SER A 394 -26.17 11.11 -14.33
C SER A 394 -24.69 11.42 -14.42
N ALA A 395 -23.84 10.54 -13.87
CA ALA A 395 -22.39 10.69 -13.88
C ALA A 395 -21.85 10.44 -15.28
N LYS A 396 -20.85 11.24 -15.70
CA LYS A 396 -20.20 11.10 -17.00
C LYS A 396 -18.98 10.19 -16.84
N ASP A 397 -19.26 8.89 -16.68
CA ASP A 397 -18.34 7.78 -16.50
C ASP A 397 -19.09 6.54 -16.95
N THR A 398 -18.66 5.92 -18.05
CA THR A 398 -19.37 4.76 -18.61
C THR A 398 -19.27 3.52 -17.73
N LYS A 399 -18.16 3.32 -16.99
CA LYS A 399 -17.99 2.15 -16.13
C LYS A 399 -19.02 2.13 -15.00
N ILE A 400 -19.27 3.29 -14.33
CA ILE A 400 -20.22 3.37 -13.23
C ILE A 400 -21.64 3.13 -13.75
N ILE A 401 -21.97 3.63 -14.97
CA ILE A 401 -23.29 3.45 -15.58
C ILE A 401 -23.52 1.94 -15.80
N GLN A 402 -22.52 1.22 -16.37
CA GLN A 402 -22.58 -0.24 -16.61
C GLN A 402 -22.82 -1.01 -15.31
N VAL A 403 -22.08 -0.64 -14.25
CA VAL A 403 -22.14 -1.26 -12.92
C VAL A 403 -23.53 -1.04 -12.31
N ILE A 404 -24.06 0.20 -12.37
CA ILE A 404 -25.38 0.53 -11.84
C ILE A 404 -26.46 -0.21 -12.65
N LEU A 405 -26.31 -0.29 -13.99
CA LEU A 405 -27.27 -1.00 -14.84
C LEU A 405 -27.30 -2.49 -14.52
N ASP A 406 -26.14 -3.10 -14.19
CA ASP A 406 -26.04 -4.50 -13.78
C ASP A 406 -26.81 -4.71 -12.46
N ALA A 407 -26.67 -3.75 -11.52
CA ALA A 407 -27.34 -3.75 -10.21
C ALA A 407 -28.86 -3.66 -10.35
N ILE A 408 -29.38 -2.74 -11.20
CA ILE A 408 -30.82 -2.56 -11.50
C ILE A 408 -31.38 -3.88 -12.02
N SER A 409 -30.64 -4.50 -12.95
CA SER A 409 -30.96 -5.78 -13.58
C SER A 409 -31.10 -6.90 -12.54
N ASN A 410 -30.14 -7.00 -11.61
CA ASN A 410 -30.13 -8.03 -10.55
C ASN A 410 -31.28 -7.84 -9.58
N ILE A 411 -31.56 -6.59 -9.19
CA ILE A 411 -32.66 -6.23 -8.28
C ILE A 411 -34.00 -6.62 -8.94
N PHE A 412 -34.15 -6.33 -10.25
CA PHE A 412 -35.34 -6.70 -11.02
C PHE A 412 -35.53 -8.23 -11.10
N GLN A 413 -34.41 -8.98 -11.14
CA GLN A 413 -34.43 -10.45 -11.17
C GLN A 413 -35.00 -11.01 -9.85
N ALA A 414 -34.73 -10.32 -8.71
CA ALA A 414 -35.25 -10.68 -7.39
C ALA A 414 -36.72 -10.33 -7.31
N ALA A 415 -37.13 -9.19 -7.92
CA ALA A 415 -38.53 -8.74 -7.95
C ALA A 415 -39.40 -9.68 -8.83
N GLU A 416 -38.78 -10.35 -9.83
CA GLU A 416 -39.46 -11.32 -10.70
C GLU A 416 -39.87 -12.55 -9.87
N LYS A 417 -38.95 -13.02 -9.00
CA LYS A 417 -39.12 -14.16 -8.10
C LYS A 417 -40.21 -13.90 -7.02
N LEU A 418 -40.58 -12.62 -6.82
CA LEU A 418 -41.61 -12.20 -5.86
C LEU A 418 -42.86 -11.64 -6.57
N GLY A 419 -42.76 -11.37 -7.87
CA GLY A 419 -43.84 -10.78 -8.65
C GLY A 419 -44.08 -9.33 -8.27
N GLU A 420 -43.01 -8.65 -7.80
CA GLU A 420 -43.00 -7.25 -7.34
C GLU A 420 -42.29 -6.33 -8.34
N THR A 421 -42.17 -6.77 -9.60
CA THR A 421 -41.54 -6.00 -10.69
C THR A 421 -42.21 -4.63 -10.88
N GLU A 422 -43.56 -4.60 -10.83
CA GLU A 422 -44.39 -3.39 -10.95
C GLU A 422 -44.05 -2.39 -9.84
N LYS A 423 -43.97 -2.86 -8.58
CA LYS A 423 -43.63 -2.03 -7.41
C LYS A 423 -42.24 -1.38 -7.60
N LEU A 424 -41.24 -2.17 -8.08
CA LEU A 424 -39.88 -1.69 -8.32
C LEU A 424 -39.85 -0.70 -9.48
N SER A 425 -40.63 -0.96 -10.56
CA SER A 425 -40.75 -0.09 -11.73
C SER A 425 -41.27 1.29 -11.32
N ILE A 426 -42.26 1.34 -10.39
CA ILE A 426 -42.87 2.55 -9.86
C ILE A 426 -41.80 3.33 -9.04
N MET A 427 -41.05 2.64 -8.15
CA MET A 427 -40.00 3.26 -7.33
C MET A 427 -38.94 3.94 -8.19
N ILE A 428 -38.53 3.29 -9.30
CA ILE A 428 -37.53 3.81 -10.22
C ILE A 428 -38.11 5.00 -10.98
N GLU A 429 -39.41 4.95 -11.32
CA GLU A 429 -40.12 6.06 -12.00
C GLU A 429 -40.22 7.30 -11.08
N GLU A 430 -40.62 7.08 -9.80
CA GLU A 430 -40.85 8.10 -8.77
C GLU A 430 -39.64 8.97 -8.42
N CYS A 431 -38.41 8.42 -8.47
CA CYS A 431 -37.21 9.20 -8.14
C CYS A 431 -36.45 9.66 -9.41
N GLY A 432 -37.16 9.70 -10.54
CA GLY A 432 -36.63 10.14 -11.82
C GLY A 432 -35.62 9.23 -12.48
N GLY A 433 -35.61 7.96 -12.10
CA GLY A 433 -34.71 6.95 -12.66
C GLY A 433 -35.07 6.51 -14.06
N LEU A 434 -36.40 6.38 -14.32
CA LEU A 434 -36.95 5.99 -15.62
C LEU A 434 -36.51 6.96 -16.73
N ASP A 435 -36.49 8.28 -16.44
CA ASP A 435 -36.08 9.32 -17.38
C ASP A 435 -34.58 9.20 -17.72
N LYS A 436 -33.78 8.74 -16.76
CA LYS A 436 -32.34 8.56 -16.92
C LYS A 436 -32.04 7.29 -17.76
N ILE A 437 -32.70 6.14 -17.47
CA ILE A 437 -32.51 4.87 -18.19
C ILE A 437 -33.00 5.01 -19.66
N GLU A 438 -34.09 5.78 -19.89
CA GLU A 438 -34.63 6.04 -21.22
C GLU A 438 -33.60 6.78 -22.08
N ALA A 439 -32.94 7.81 -21.49
CA ALA A 439 -31.90 8.62 -22.13
C ALA A 439 -30.68 7.78 -22.53
N LEU A 440 -30.28 6.82 -21.65
CA LEU A 440 -29.13 5.92 -21.84
C LEU A 440 -29.28 4.96 -23.04
N GLN A 441 -30.47 4.91 -23.67
CA GLN A 441 -30.70 4.07 -24.86
C GLN A 441 -29.97 4.66 -26.07
N ARG A 442 -29.74 5.99 -26.05
CA ARG A 442 -29.03 6.73 -27.09
C ARG A 442 -27.60 7.09 -26.62
N HIS A 443 -26.93 6.14 -25.95
CA HIS A 443 -25.58 6.29 -25.42
C HIS A 443 -24.53 5.78 -26.42
N GLU A 444 -23.30 6.33 -26.36
CA GLU A 444 -22.17 5.97 -27.22
C GLU A 444 -21.73 4.51 -27.03
N ASN A 445 -21.65 4.05 -25.76
CA ASN A 445 -21.22 2.70 -25.42
C ASN A 445 -22.30 1.65 -25.72
N GLU A 446 -21.89 0.57 -26.44
CA GLU A 446 -22.71 -0.57 -26.88
C GLU A 446 -23.40 -1.27 -25.69
N SER A 447 -22.60 -1.67 -24.67
CA SER A 447 -23.06 -2.39 -23.48
C SER A 447 -24.12 -1.57 -22.71
N VAL A 448 -23.94 -0.24 -22.58
CA VAL A 448 -24.87 0.67 -21.89
C VAL A 448 -26.20 0.74 -22.66
N TYR A 449 -26.12 0.98 -23.99
CA TYR A 449 -27.23 1.07 -24.93
C TYR A 449 -28.09 -0.21 -24.88
N LYS A 450 -27.44 -1.40 -24.89
CA LYS A 450 -28.10 -2.71 -24.85
C LYS A 450 -28.74 -3.02 -23.48
N ALA A 451 -28.06 -2.70 -22.37
CA ALA A 451 -28.55 -2.96 -21.01
C ALA A 451 -29.78 -2.09 -20.66
N SER A 452 -29.74 -0.80 -21.02
CA SER A 452 -30.83 0.15 -20.77
C SER A 452 -32.05 -0.17 -21.63
N LEU A 453 -31.82 -0.56 -22.90
CA LEU A 453 -32.84 -0.95 -23.89
C LEU A 453 -33.61 -2.19 -23.40
N ASN A 454 -32.90 -3.15 -22.78
CA ASN A 454 -33.47 -4.38 -22.24
C ASN A 454 -34.42 -4.09 -21.06
N LEU A 455 -33.98 -3.25 -20.08
CA LEU A 455 -34.77 -2.88 -18.91
C LEU A 455 -36.05 -2.14 -19.29
N ILE A 456 -35.98 -1.24 -20.31
CA ILE A 456 -37.13 -0.47 -20.80
C ILE A 456 -38.13 -1.43 -21.49
N GLU A 457 -37.64 -2.37 -22.30
CA GLU A 457 -38.48 -3.34 -23.03
C GLU A 457 -39.06 -4.40 -22.08
N LYS A 458 -38.32 -4.82 -21.06
CA LYS A 458 -38.74 -5.87 -20.13
C LYS A 458 -39.61 -5.38 -18.98
N TYR A 459 -39.31 -4.19 -18.40
CA TYR A 459 -40.04 -3.72 -17.22
C TYR A 459 -40.68 -2.32 -17.34
N PHE A 460 -40.47 -1.58 -18.44
CA PHE A 460 -41.05 -0.25 -18.54
C PHE A 460 -41.89 -0.04 -19.82
N SER A 461 -42.29 -1.15 -20.49
CA SER A 461 -43.13 -1.10 -21.69
C SER A 461 -44.44 -1.85 -21.47
N ARG B 4 -15.87 -11.12 -9.82
CA ARG B 4 -16.43 -10.28 -8.77
C ARG B 4 -15.36 -9.51 -8.02
N LYS B 5 -14.38 -10.21 -7.47
CA LYS B 5 -13.31 -9.59 -6.69
C LYS B 5 -12.33 -8.80 -7.57
N ARG B 6 -11.98 -7.61 -7.11
CA ARG B 6 -11.07 -6.73 -7.85
C ARG B 6 -9.88 -6.30 -7.01
N THR B 7 -8.70 -6.26 -7.63
CA THR B 7 -7.49 -5.84 -6.96
C THR B 7 -7.39 -4.32 -6.93
N TRP B 8 -6.51 -3.80 -6.08
CA TRP B 8 -6.31 -2.35 -5.98
C TRP B 8 -6.09 -1.75 -7.38
N ARG B 9 -5.29 -2.44 -8.23
CA ARG B 9 -4.97 -2.02 -9.60
C ARG B 9 -6.20 -2.10 -10.52
N ASP B 10 -7.09 -3.09 -10.31
CA ASP B 10 -8.34 -3.25 -11.06
C ASP B 10 -9.31 -2.09 -10.79
N ALA B 11 -9.36 -1.61 -9.53
CA ALA B 11 -10.23 -0.55 -9.04
C ALA B 11 -9.67 0.85 -9.25
N PHE B 12 -8.38 1.06 -8.95
CA PHE B 12 -7.76 2.37 -9.02
C PHE B 12 -6.58 2.39 -9.97
N ARG C 4 10.22 3.33 -1.64
CA ARG C 4 10.48 4.71 -1.30
C ARG C 4 11.95 4.90 -0.97
N LYS C 5 12.43 6.13 -1.09
CA LYS C 5 13.79 6.45 -0.75
C LYS C 5 13.79 7.64 0.20
N ARG C 6 14.73 7.63 1.14
CA ARG C 6 14.80 8.69 2.15
C ARG C 6 16.22 9.16 2.31
N THR C 7 16.41 10.47 2.27
CA THR C 7 17.70 11.13 2.45
C THR C 7 17.90 11.47 3.95
N TRP C 8 19.16 11.54 4.42
CA TRP C 8 19.46 11.98 5.78
C TRP C 8 19.92 13.44 5.72
N ARG C 9 19.14 14.33 6.36
CA ARG C 9 19.40 15.76 6.42
C ARG C 9 20.06 16.12 7.74
#